data_1YN3
#
_entry.id   1YN3
#
_cell.length_a   64.116
_cell.length_b   64.116
_cell.length_c   141.706
_cell.angle_alpha   90
_cell.angle_beta   90
_cell.angle_gamma   120
#
_symmetry.space_group_name_H-M   'H 3'
#
loop_
_entity.id
_entity.type
_entity.pdbx_description
1 polymer 'truncated cell surface protein map-w'
2 water water
#
_entity_poly.entity_id   1
_entity_poly.type   'polypeptide(L)'
_entity_poly.pdbx_seq_one_letter_code
;GSTVPYTITVNGTSQNILSNLTFNKNQNISYKDLEGKVKSVLESNRGITDVDLRLSKQAKYTVNFKNGTKKVIDLKSGIY
TANLINSSDIKSININID
;
_entity_poly.pdbx_strand_id   A,B
#
# COMPACT_ATOMS: atom_id res chain seq x y z
N GLY A 1 29.46 -21.04 -11.57
CA GLY A 1 30.86 -20.65 -11.90
C GLY A 1 30.97 -19.17 -12.25
N SER A 2 30.42 -18.81 -13.40
CA SER A 2 30.43 -17.44 -13.85
C SER A 2 29.06 -17.06 -14.37
N THR A 3 28.74 -15.78 -14.27
CA THR A 3 27.46 -15.27 -14.70
C THR A 3 27.60 -14.48 -16.01
N VAL A 4 26.78 -14.84 -17.00
CA VAL A 4 26.81 -14.16 -18.30
C VAL A 4 25.49 -13.44 -18.51
N PRO A 5 25.52 -12.11 -18.61
CA PRO A 5 24.28 -11.35 -18.81
C PRO A 5 23.70 -11.53 -20.20
N TYR A 6 22.37 -11.55 -20.29
CA TYR A 6 21.72 -11.71 -21.58
C TYR A 6 20.41 -10.96 -21.65
N THR A 7 19.99 -10.69 -22.88
CA THR A 7 18.72 -10.04 -23.11
C THR A 7 17.94 -10.88 -24.10
N ILE A 8 16.63 -10.77 -24.04
CA ILE A 8 15.77 -11.46 -24.99
C ILE A 8 14.84 -10.36 -25.50
N THR A 9 14.87 -10.14 -26.81
CA THR A 9 14.05 -9.15 -27.45
C THR A 9 13.13 -9.87 -28.43
N VAL A 10 11.84 -9.58 -28.35
CA VAL A 10 10.87 -10.21 -29.24
C VAL A 10 10.04 -9.08 -29.84
N ASN A 11 9.89 -9.07 -31.16
CA ASN A 11 9.11 -8.03 -31.81
C ASN A 11 7.67 -8.00 -31.31
N GLY A 12 7.22 -9.08 -30.70
CA GLY A 12 5.87 -9.14 -30.18
C GLY A 12 5.74 -8.75 -28.72
N THR A 13 6.69 -7.98 -28.22
CA THR A 13 6.67 -7.54 -26.83
C THR A 13 7.57 -6.33 -26.56
N SER A 14 7.00 -5.32 -25.92
CA SER A 14 7.73 -4.09 -25.60
C SER A 14 8.79 -4.29 -24.53
N GLN A 15 8.43 -5.01 -23.47
CA GLN A 15 9.35 -5.26 -22.36
C GLN A 15 10.32 -6.38 -22.68
N ASN A 16 11.61 -6.07 -22.62
CA ASN A 16 12.66 -7.06 -22.89
C ASN A 16 13.10 -7.77 -21.61
N ILE A 17 13.65 -8.97 -21.79
CA ILE A 17 14.17 -9.76 -20.67
C ILE A 17 15.62 -9.35 -20.46
N LEU A 18 16.01 -9.24 -19.20
CA LEU A 18 17.39 -8.89 -18.82
C LEU A 18 17.70 -9.78 -17.63
N SER A 19 18.61 -10.73 -17.82
CA SER A 19 18.94 -11.67 -16.77
C SER A 19 20.36 -12.21 -16.92
N ASN A 20 20.66 -13.29 -16.21
CA ASN A 20 21.97 -13.91 -16.25
C ASN A 20 21.90 -15.42 -16.44
N LEU A 21 22.83 -15.92 -17.26
CA LEU A 21 22.97 -17.36 -17.52
C LEU A 21 24.15 -17.79 -16.70
N THR A 22 24.12 -19.00 -16.15
CA THR A 22 25.22 -19.50 -15.36
C THR A 22 26.01 -20.53 -16.15
N PHE A 23 27.33 -20.40 -16.13
CA PHE A 23 28.23 -21.33 -16.81
C PHE A 23 29.29 -21.78 -15.81
N ASN A 24 29.91 -22.92 -16.08
CA ASN A 24 30.99 -23.38 -15.22
C ASN A 24 32.16 -22.51 -15.68
N LYS A 25 33.00 -22.08 -14.75
CA LYS A 25 34.12 -21.22 -15.10
C LYS A 25 35.18 -21.97 -15.90
N ASN A 26 35.73 -21.29 -16.91
CA ASN A 26 36.78 -21.85 -17.76
C ASN A 26 36.48 -23.24 -18.32
N GLN A 27 35.29 -23.40 -18.89
CA GLN A 27 34.90 -24.68 -19.47
C GLN A 27 34.65 -24.56 -20.97
N ASN A 28 35.19 -25.49 -21.74
CA ASN A 28 34.99 -25.47 -23.17
C ASN A 28 33.63 -26.06 -23.47
N ILE A 29 32.85 -25.34 -24.29
CA ILE A 29 31.52 -25.78 -24.66
C ILE A 29 31.31 -25.64 -26.16
N SER A 30 30.36 -26.39 -26.70
CA SER A 30 30.08 -26.33 -28.12
C SER A 30 28.92 -25.39 -28.36
N TYR A 31 28.67 -25.05 -29.62
CA TYR A 31 27.55 -24.18 -29.93
C TYR A 31 26.25 -24.96 -29.75
N LYS A 32 26.33 -26.29 -29.81
CA LYS A 32 25.13 -27.09 -29.59
C LYS A 32 24.81 -26.95 -28.10
N ASP A 33 25.84 -26.95 -27.25
CA ASP A 33 25.63 -26.79 -25.82
C ASP A 33 24.99 -25.44 -25.55
N LEU A 34 25.58 -24.39 -26.13
CA LEU A 34 25.08 -23.04 -25.94
C LEU A 34 23.63 -22.93 -26.40
N GLU A 35 23.29 -23.61 -27.48
CA GLU A 35 21.92 -23.59 -27.99
C GLU A 35 20.94 -24.08 -26.92
N GLY A 36 21.29 -25.16 -26.23
CA GLY A 36 20.42 -25.69 -25.20
C GLY A 36 20.14 -24.70 -24.09
N LYS A 37 21.17 -23.95 -23.71
CA LYS A 37 21.01 -22.97 -22.65
C LYS A 37 20.17 -21.80 -23.14
N VAL A 38 20.42 -21.35 -24.37
CA VAL A 38 19.65 -20.25 -24.95
C VAL A 38 18.18 -20.64 -25.13
N LYS A 39 17.93 -21.82 -25.67
CA LYS A 39 16.55 -22.25 -25.87
C LYS A 39 15.80 -22.40 -24.55
N SER A 40 16.51 -22.82 -23.50
CA SER A 40 15.86 -22.98 -22.21
C SER A 40 15.35 -21.66 -21.65
N VAL A 41 16.18 -20.62 -21.67
CA VAL A 41 15.71 -19.34 -21.14
C VAL A 41 14.66 -18.69 -22.03
N LEU A 42 14.69 -19.01 -23.33
CA LEU A 42 13.68 -18.47 -24.23
C LEU A 42 12.31 -19.03 -23.83
N GLU A 43 12.27 -20.32 -23.51
CA GLU A 43 11.02 -20.93 -23.12
C GLU A 43 10.58 -20.53 -21.71
N SER A 44 11.53 -20.51 -20.77
CA SER A 44 11.20 -20.13 -19.39
C SER A 44 10.81 -18.67 -19.20
N ASN A 45 11.53 -17.76 -19.85
CA ASN A 45 11.26 -16.34 -19.70
C ASN A 45 10.21 -15.75 -20.62
N ARG A 46 10.09 -16.28 -21.82
CA ARG A 46 9.13 -15.75 -22.78
C ARG A 46 8.14 -16.75 -23.36
N GLY A 47 8.19 -18.00 -22.87
CA GLY A 47 7.27 -19.00 -23.37
C GLY A 47 7.50 -19.34 -24.83
N ILE A 48 8.68 -19.04 -25.34
CA ILE A 48 9.02 -19.33 -26.74
C ILE A 48 9.59 -20.75 -26.83
N THR A 49 8.83 -21.64 -27.47
CA THR A 49 9.19 -23.07 -27.62
C THR A 49 9.92 -23.37 -28.90
N ASP A 50 10.37 -24.61 -29.07
CA ASP A 50 11.05 -24.88 -30.31
C ASP A 50 10.09 -24.70 -31.46
N VAL A 51 8.81 -25.00 -31.24
CA VAL A 51 7.77 -24.79 -32.26
C VAL A 51 7.69 -23.30 -32.65
N ASP A 52 7.71 -22.42 -31.65
CA ASP A 52 7.63 -20.99 -31.93
C ASP A 52 8.85 -20.50 -32.71
N LEU A 53 10.02 -21.04 -32.40
CA LEU A 53 11.23 -20.65 -33.12
C LEU A 53 11.09 -21.02 -34.60
N ARG A 54 10.56 -22.20 -34.87
CA ARG A 54 10.35 -22.64 -36.25
C ARG A 54 9.30 -21.79 -36.97
N LEU A 55 8.29 -21.36 -36.23
CA LEU A 55 7.21 -20.54 -36.81
C LEU A 55 7.55 -19.07 -36.94
N SER A 56 8.67 -18.65 -36.33
CA SER A 56 9.07 -17.27 -36.38
C SER A 56 9.61 -16.87 -37.75
N LYS A 57 9.70 -15.56 -38.00
CA LYS A 57 10.26 -15.07 -39.25
C LYS A 57 11.78 -15.22 -39.15
N GLN A 58 12.32 -14.88 -37.98
CA GLN A 58 13.75 -14.98 -37.74
C GLN A 58 14.01 -15.14 -36.25
N ALA A 59 14.86 -16.10 -35.89
CA ALA A 59 15.21 -16.35 -34.50
C ALA A 59 16.73 -16.51 -34.46
N LYS A 60 17.39 -15.70 -33.64
CA LYS A 60 18.84 -15.75 -33.57
C LYS A 60 19.35 -15.28 -32.22
N TYR A 61 20.65 -15.46 -32.00
CA TYR A 61 21.28 -14.96 -30.81
C TYR A 61 22.70 -14.60 -31.17
N THR A 62 23.22 -13.59 -30.49
CA THR A 62 24.57 -13.11 -30.73
C THR A 62 25.39 -13.30 -29.46
N VAL A 63 26.54 -13.95 -29.60
CA VAL A 63 27.43 -14.15 -28.48
C VAL A 63 28.53 -13.12 -28.62
N ASN A 64 28.65 -12.26 -27.61
CA ASN A 64 29.68 -11.22 -27.62
C ASN A 64 30.82 -11.72 -26.75
N PHE A 65 32.04 -11.69 -27.29
CA PHE A 65 33.20 -12.16 -26.56
C PHE A 65 33.95 -11.00 -25.92
N LYS A 66 34.70 -11.31 -24.87
CA LYS A 66 35.44 -10.28 -24.14
C LYS A 66 36.45 -9.52 -24.99
N ASN A 67 37.01 -10.17 -26.02
CA ASN A 67 38.00 -9.49 -26.85
C ASN A 67 37.40 -8.62 -27.95
N GLY A 68 36.09 -8.40 -27.88
CA GLY A 68 35.44 -7.55 -28.87
C GLY A 68 34.84 -8.24 -30.08
N THR A 69 35.15 -9.52 -30.27
CA THR A 69 34.60 -10.27 -31.39
C THR A 69 33.20 -10.74 -31.04
N LYS A 70 32.47 -11.22 -32.03
CA LYS A 70 31.13 -11.71 -31.81
C LYS A 70 30.76 -12.76 -32.85
N LYS A 71 29.71 -13.51 -32.55
CA LYS A 71 29.23 -14.55 -33.45
C LYS A 71 27.71 -14.56 -33.41
N VAL A 72 27.09 -14.51 -34.58
CA VAL A 72 25.65 -14.53 -34.70
C VAL A 72 25.21 -15.93 -35.13
N ILE A 73 24.25 -16.48 -34.39
CA ILE A 73 23.75 -17.83 -34.64
C ILE A 73 22.27 -17.84 -35.01
N ASP A 74 21.93 -18.60 -36.03
CA ASP A 74 20.55 -18.74 -36.49
C ASP A 74 19.96 -19.91 -35.70
N LEU A 75 19.02 -19.61 -34.82
CA LEU A 75 18.41 -20.64 -33.98
C LEU A 75 17.59 -21.70 -34.72
N LYS A 76 17.28 -21.46 -35.99
CA LYS A 76 16.51 -22.43 -36.76
C LYS A 76 17.42 -23.51 -37.35
N SER A 77 18.70 -23.18 -37.48
CA SER A 77 19.67 -24.08 -38.09
C SER A 77 20.19 -25.26 -37.26
N GLY A 78 20.40 -26.38 -37.95
CA GLY A 78 20.93 -27.57 -37.31
C GLY A 78 22.37 -27.79 -37.72
N ILE A 79 22.99 -26.78 -38.32
CA ILE A 79 24.38 -26.85 -38.74
C ILE A 79 25.20 -25.98 -37.79
N TYR A 80 26.10 -26.61 -37.04
CA TYR A 80 26.91 -25.89 -36.07
C TYR A 80 28.45 -25.92 -36.35
N THR A 81 29.17 -24.86 -35.99
CA THR A 81 30.65 -24.79 -36.16
C THR A 81 31.40 -25.45 -35.00
N ALA A 82 32.38 -26.32 -35.25
CA ALA A 82 33.05 -26.86 -34.11
C ALA A 82 33.69 -25.87 -33.49
N ASN A 83 32.65 -25.19 -33.15
CA ASN A 83 32.97 -24.37 -32.33
C ASN A 83 32.59 -24.84 -31.05
N LEU A 84 33.75 -24.96 -30.34
CA LEU A 84 34.39 -25.08 -28.60
C LEU A 84 34.94 -23.71 -28.50
N ILE A 85 34.19 -23.11 -27.77
CA ILE A 85 34.52 -21.80 -27.17
C ILE A 85 34.64 -21.99 -25.62
N ASN A 86 35.36 -21.08 -24.99
CA ASN A 86 35.54 -21.13 -23.55
C ASN A 86 34.54 -20.23 -22.85
N SER A 87 33.83 -20.79 -21.87
CA SER A 87 32.81 -20.05 -21.13
C SER A 87 33.32 -18.74 -20.56
N SER A 88 34.58 -18.71 -20.14
CA SER A 88 35.14 -17.50 -19.56
C SER A 88 35.44 -16.38 -20.55
N ASP A 89 35.30 -16.67 -21.85
CA ASP A 89 35.54 -15.64 -22.86
C ASP A 89 34.24 -14.96 -23.27
N ILE A 90 33.12 -15.48 -22.77
CA ILE A 90 31.83 -14.88 -23.12
C ILE A 90 31.54 -13.63 -22.30
N LYS A 91 31.26 -12.54 -22.99
CA LYS A 91 30.95 -11.26 -22.34
C LYS A 91 29.46 -11.10 -22.11
N SER A 92 28.66 -11.37 -23.14
CA SER A 92 27.21 -11.23 -23.02
C SER A 92 26.54 -11.93 -24.20
N ILE A 93 25.22 -12.09 -24.10
CA ILE A 93 24.44 -12.73 -25.16
C ILE A 93 23.15 -11.95 -25.43
N ASN A 94 22.86 -11.71 -26.70
CA ASN A 94 21.64 -11.02 -27.09
C ASN A 94 20.79 -11.99 -27.91
N ILE A 95 19.60 -12.29 -27.41
CA ILE A 95 18.68 -13.22 -28.09
C ILE A 95 17.57 -12.40 -28.74
N ASN A 96 17.25 -12.71 -29.99
CA ASN A 96 16.23 -11.97 -30.70
C ASN A 96 15.31 -12.87 -31.50
N ILE A 97 14.00 -12.69 -31.31
CA ILE A 97 13.01 -13.49 -32.03
C ILE A 97 12.07 -12.58 -32.79
N ASP A 98 11.93 -12.87 -34.09
CA ASP A 98 11.11 -12.10 -35.02
C ASP A 98 10.99 -10.64 -34.64
N GLY B 1 -15.07 3.44 37.26
CA GLY B 1 -14.74 3.91 35.89
C GLY B 1 -15.71 3.37 34.85
N SER B 2 -16.40 4.27 34.18
CA SER B 2 -17.39 3.91 33.17
C SER B 2 -17.18 4.78 31.93
N THR B 3 -17.56 4.24 30.78
CA THR B 3 -17.41 4.93 29.51
C THR B 3 -18.77 5.40 29.01
N VAL B 4 -18.87 6.69 28.68
CA VAL B 4 -20.11 7.25 28.18
C VAL B 4 -19.90 7.70 26.74
N PRO B 5 -20.64 7.09 25.79
CA PRO B 5 -20.48 7.47 24.39
C PRO B 5 -21.05 8.85 24.08
N TYR B 6 -20.39 9.57 23.18
CA TYR B 6 -20.86 10.90 22.80
C TYR B 6 -20.55 11.20 21.35
N THR B 7 -21.30 12.15 20.81
CA THR B 7 -21.12 12.62 19.45
C THR B 7 -20.97 14.12 19.49
N ILE B 8 -20.28 14.66 18.50
CA ILE B 8 -20.14 16.10 18.38
C ILE B 8 -20.53 16.36 16.94
N THR B 9 -21.57 17.18 16.77
CA THR B 9 -22.04 17.54 15.46
C THR B 9 -21.89 19.04 15.32
N VAL B 10 -21.28 19.47 14.22
CA VAL B 10 -21.07 20.88 13.96
C VAL B 10 -21.67 21.18 12.60
N ASN B 11 -22.63 22.10 12.57
CA ASN B 11 -23.29 22.47 11.32
C ASN B 11 -22.26 22.86 10.27
N GLY B 12 -22.22 22.10 9.18
CA GLY B 12 -21.26 22.38 8.11
C GLY B 12 -20.20 21.31 8.02
N THR B 13 -19.94 20.63 9.13
CA THR B 13 -18.96 19.57 9.18
C THR B 13 -19.68 18.26 8.90
N SER B 14 -19.32 17.62 7.80
CA SER B 14 -19.95 16.37 7.39
C SER B 14 -19.73 15.26 8.41
N GLN B 15 -18.46 14.95 8.65
CA GLN B 15 -18.10 13.88 9.58
C GLN B 15 -18.24 14.30 11.03
N ASN B 16 -19.07 13.56 11.78
CA ASN B 16 -19.27 13.87 13.19
C ASN B 16 -18.27 13.10 14.04
N ILE B 17 -18.05 13.58 15.26
CA ILE B 17 -17.15 12.93 16.20
C ILE B 17 -17.96 11.85 16.91
N LEU B 18 -17.34 10.69 17.13
CA LEU B 18 -17.97 9.59 17.84
C LEU B 18 -16.90 9.01 18.75
N SER B 19 -17.06 9.21 20.05
CA SER B 19 -16.05 8.75 21.00
C SER B 19 -16.67 8.44 22.35
N ASN B 20 -15.81 8.31 23.36
CA ASN B 20 -16.25 8.02 24.72
C ASN B 20 -15.62 8.95 25.75
N LEU B 21 -16.43 9.34 26.74
CA LEU B 21 -15.97 10.18 27.85
C LEU B 21 -15.85 9.22 29.01
N THR B 22 -14.84 9.42 29.85
CA THR B 22 -14.66 8.57 31.02
C THR B 22 -15.12 9.28 32.27
N PHE B 23 -15.88 8.57 33.10
CA PHE B 23 -16.37 9.09 34.37
C PHE B 23 -16.03 8.06 35.44
N ASN B 24 -16.00 8.50 36.70
CA ASN B 24 -15.76 7.55 37.78
C ASN B 24 -17.13 6.92 37.98
N LYS B 25 -17.17 5.63 38.26
CA LYS B 25 -18.43 4.93 38.46
C LYS B 25 -19.17 5.38 39.72
N ASN B 26 -20.49 5.48 39.60
CA ASN B 26 -21.35 5.84 40.73
C ASN B 26 -20.94 7.12 41.46
N GLN B 27 -20.58 8.16 40.71
CA GLN B 27 -20.16 9.41 41.33
C GLN B 27 -21.14 10.53 41.01
N ASN B 28 -21.49 11.30 42.03
CA ASN B 28 -22.40 12.42 41.82
C ASN B 28 -21.60 13.61 41.31
N ILE B 29 -22.08 14.20 40.22
CA ILE B 29 -21.43 15.35 39.60
C ILE B 29 -22.42 16.45 39.32
N SER B 30 -21.91 17.67 39.19
CA SER B 30 -22.77 18.81 38.92
C SER B 30 -22.77 19.08 37.42
N TYR B 31 -23.69 19.93 36.99
CA TYR B 31 -23.74 20.27 35.57
C TYR B 31 -22.54 21.16 35.22
N LYS B 32 -21.98 21.84 36.22
CA LYS B 32 -20.80 22.65 35.96
C LYS B 32 -19.65 21.67 35.69
N ASP B 33 -19.63 20.56 36.42
CA ASP B 33 -18.60 19.53 36.24
C ASP B 33 -18.73 18.97 34.82
N LEU B 34 -19.95 18.61 34.46
CA LEU B 34 -20.19 18.04 33.14
C LEU B 34 -19.78 19.00 32.03
N GLU B 35 -20.01 20.30 32.25
CA GLU B 35 -19.64 21.31 31.26
C GLU B 35 -18.13 21.25 30.99
N GLY B 36 -17.35 21.10 32.05
CA GLY B 36 -15.91 21.06 31.88
C GLY B 36 -15.47 19.91 31.01
N LYS B 37 -16.11 18.76 31.16
CA LYS B 37 -15.76 17.59 30.37
C LYS B 37 -16.20 17.77 28.92
N VAL B 38 -17.41 18.31 28.74
CA VAL B 38 -17.94 18.55 27.40
C VAL B 38 -17.09 19.58 26.66
N LYS B 39 -16.76 20.69 27.31
CA LYS B 39 -15.95 21.72 26.67
C LYS B 39 -14.57 21.20 26.30
N SER B 40 -14.02 20.30 27.12
CA SER B 40 -12.71 19.76 26.84
C SER B 40 -12.68 18.94 25.56
N VAL B 41 -13.64 18.04 25.37
CA VAL B 41 -13.64 17.24 24.15
C VAL B 41 -14.01 18.09 22.94
N LEU B 42 -14.77 19.15 23.15
CA LEU B 42 -15.11 20.04 22.03
C LEU B 42 -13.83 20.67 21.48
N GLU B 43 -12.97 21.13 22.38
CA GLU B 43 -11.74 21.77 21.96
C GLU B 43 -10.72 20.76 21.42
N SER B 44 -10.57 19.62 22.09
CA SER B 44 -9.61 18.62 21.64
C SER B 44 -9.98 17.91 20.35
N ASN B 45 -11.26 17.61 20.17
CA ASN B 45 -11.72 16.90 18.96
C ASN B 45 -12.06 17.77 17.77
N ARG B 46 -12.60 18.97 18.02
CA ARG B 46 -13.00 19.86 16.94
C ARG B 46 -12.38 21.25 16.96
N GLY B 47 -11.48 21.50 17.92
CA GLY B 47 -10.84 22.80 18.00
C GLY B 47 -11.81 23.92 18.34
N ILE B 48 -12.95 23.56 18.90
CA ILE B 48 -13.95 24.54 19.29
C ILE B 48 -13.66 25.03 20.71
N THR B 49 -13.26 26.29 20.80
CA THR B 49 -12.91 26.91 22.06
C THR B 49 -14.06 27.65 22.84
N ASP B 50 -13.96 27.88 24.11
CA ASP B 50 -14.85 28.84 24.54
C ASP B 50 -15.02 30.18 23.70
N VAL B 51 -13.92 30.73 22.98
CA VAL B 51 -14.50 31.83 22.15
C VAL B 51 -15.42 31.43 21.05
N ASP B 52 -15.14 30.27 20.46
CA ASP B 52 -15.99 29.78 19.38
C ASP B 52 -17.41 29.51 19.87
N LEU B 53 -17.56 28.99 21.09
CA LEU B 53 -18.90 28.75 21.63
C LEU B 53 -19.66 30.06 21.74
N ARG B 54 -18.99 31.11 22.22
CA ARG B 54 -19.63 32.43 22.35
C ARG B 54 -19.99 33.02 20.99
N LEU B 55 -19.16 32.76 19.99
CA LEU B 55 -19.37 33.28 18.64
C LEU B 55 -20.34 32.45 17.81
N SER B 56 -20.73 31.28 18.31
CA SER B 56 -21.64 30.43 17.58
C SER B 56 -23.06 30.96 17.62
N LYS B 57 -23.93 30.43 16.76
CA LYS B 57 -25.32 30.82 16.72
C LYS B 57 -26.00 30.09 17.88
N GLN B 58 -25.63 28.82 18.04
CA GLN B 58 -26.17 28.01 19.11
C GLN B 58 -25.21 26.87 19.46
N ALA B 59 -24.97 26.69 20.76
CA ALA B 59 -24.08 25.64 21.24
C ALA B 59 -24.79 24.96 22.40
N LYS B 60 -24.98 23.66 22.30
CA LYS B 60 -25.69 22.93 23.34
C LYS B 60 -25.26 21.48 23.39
N TYR B 61 -25.70 20.79 24.43
CA TYR B 61 -25.46 19.36 24.53
C TYR B 61 -26.64 18.76 25.27
N THR B 62 -26.94 17.52 24.92
CA THR B 62 -28.06 16.81 25.51
C THR B 62 -27.51 15.60 26.25
N VAL B 63 -27.92 15.45 27.51
CA VAL B 63 -27.51 14.30 28.30
C VAL B 63 -28.70 13.35 28.31
N ASN B 64 -28.49 12.14 27.81
CA ASN B 64 -29.55 11.15 27.77
C ASN B 64 -29.32 10.22 28.95
N PHE B 65 -30.35 10.02 29.76
CA PHE B 65 -30.24 9.15 30.92
C PHE B 65 -30.74 7.75 30.62
N LYS B 66 -30.26 6.78 31.40
CA LYS B 66 -30.65 5.40 31.20
C LYS B 66 -32.14 5.13 31.33
N ASN B 67 -32.85 5.92 32.13
CA ASN B 67 -34.29 5.70 32.30
C ASN B 67 -35.16 6.34 31.22
N GLY B 68 -34.54 6.84 30.16
CA GLY B 68 -35.29 7.44 29.08
C GLY B 68 -35.46 8.95 29.12
N THR B 69 -35.13 9.57 30.24
CA THR B 69 -35.25 11.02 30.36
C THR B 69 -34.01 11.66 29.74
N LYS B 70 -34.07 12.97 29.56
CA LYS B 70 -32.94 13.70 29.00
C LYS B 70 -32.98 15.15 29.45
N LYS B 71 -31.84 15.81 29.30
CA LYS B 71 -31.72 17.21 29.68
C LYS B 71 -30.89 17.92 28.63
N VAL B 72 -31.42 19.04 28.12
CA VAL B 72 -30.70 19.82 27.13
C VAL B 72 -30.09 21.03 27.82
N ILE B 73 -28.79 21.24 27.59
CA ILE B 73 -28.04 22.33 28.19
C ILE B 73 -27.51 23.32 27.16
N ASP B 74 -27.67 24.61 27.45
CA ASP B 74 -27.18 25.68 26.57
C ASP B 74 -25.75 25.98 27.01
N LEU B 75 -24.77 25.66 26.16
CA LEU B 75 -23.36 25.88 26.52
C LEU B 75 -22.92 27.33 26.69
N LYS B 76 -23.76 28.27 26.28
CA LYS B 76 -23.41 29.68 26.43
C LYS B 76 -23.80 30.19 27.81
N SER B 77 -24.72 29.49 28.46
CA SER B 77 -25.22 29.93 29.77
C SER B 77 -24.36 29.67 30.99
N GLY B 78 -24.41 30.62 31.92
CA GLY B 78 -23.67 30.51 33.16
C GLY B 78 -24.61 30.19 34.31
N ILE B 79 -25.85 29.84 33.96
CA ILE B 79 -26.87 29.49 34.94
C ILE B 79 -27.05 27.97 34.91
N TYR B 80 -26.71 27.33 36.03
CA TYR B 80 -26.79 25.88 36.15
C TYR B 80 -27.84 25.43 37.15
N THR B 81 -28.60 24.40 36.78
CA THR B 81 -29.63 23.89 37.68
C THR B 81 -28.89 23.25 38.86
N ALA B 82 -29.47 23.38 40.05
CA ALA B 82 -28.86 22.84 41.25
C ALA B 82 -28.81 21.32 41.15
N ASN B 83 -29.49 20.77 40.17
CA ASN B 83 -29.53 19.33 39.95
C ASN B 83 -28.15 18.68 39.91
N LEU B 84 -27.96 17.68 40.75
CA LEU B 84 -26.71 16.93 40.82
C LEU B 84 -27.05 15.53 40.31
N ILE B 85 -26.35 15.06 39.28
CA ILE B 85 -26.64 13.76 38.71
C ILE B 85 -25.57 12.70 38.99
N ASN B 86 -25.96 11.44 38.86
CA ASN B 86 -25.04 10.33 39.10
C ASN B 86 -24.48 9.85 37.76
N SER B 87 -23.15 9.76 37.70
CA SER B 87 -22.46 9.35 36.48
C SER B 87 -22.96 8.03 35.90
N SER B 88 -23.36 7.11 36.78
CA SER B 88 -23.83 5.81 36.32
C SER B 88 -25.23 5.83 35.70
N ASP B 89 -25.92 6.97 35.78
CA ASP B 89 -27.25 7.09 35.18
C ASP B 89 -27.17 7.65 33.78
N ILE B 90 -25.97 8.09 33.37
CA ILE B 90 -25.79 8.66 32.05
C ILE B 90 -25.67 7.60 30.96
N LYS B 91 -26.52 7.69 29.95
CA LYS B 91 -26.53 6.74 28.84
C LYS B 91 -25.65 7.22 27.69
N SER B 92 -25.80 8.47 27.29
CA SER B 92 -25.02 9.02 26.19
C SER B 92 -25.14 10.54 26.18
N ILE B 93 -24.29 11.20 25.40
CA ILE B 93 -24.31 12.65 25.30
C ILE B 93 -24.18 13.08 23.83
N ASN B 94 -25.02 14.02 23.40
CA ASN B 94 -24.97 14.55 22.06
C ASN B 94 -24.60 16.02 22.16
N ILE B 95 -23.49 16.40 21.52
CA ILE B 95 -23.03 17.79 21.56
C ILE B 95 -23.26 18.40 20.19
N ASN B 96 -23.84 19.60 20.16
CA ASN B 96 -24.14 20.25 18.90
C ASN B 96 -23.77 21.73 18.89
N ILE B 97 -23.09 22.16 17.84
CA ILE B 97 -22.70 23.55 17.68
C ILE B 97 -23.09 24.01 16.29
N ASP B 98 -23.89 25.06 16.23
CA ASP B 98 -24.38 25.63 14.99
C ASP B 98 -23.75 26.99 14.73
#